data_8G68
#
_entry.id   8G68
#
_cell.length_a   87.990
_cell.length_b   87.990
_cell.length_c   162.170
_cell.angle_alpha   90.00
_cell.angle_beta   90.00
_cell.angle_gamma   90.00
#
_symmetry.space_group_name_H-M   'P 43 21 2'
#
loop_
_entity.id
_entity.type
_entity.pdbx_description
1 polymer 'Tyrosine-protein phosphatase non-receptor type 1'
2 non-polymer 4-(3-ethyl-5-methyl-1H-pyrazol-1-yl)aniline
3 water water
#
_entity_poly.entity_id   1
_entity_poly.type   'polypeptide(L)'
_entity_poly.pdbx_seq_one_letter_code
;MEMEKEFEQIDKSGSWAAIYQDIRHEASDFPCRVAKLPKNKNRNRYRDVSPFDHSRIKLHQEDNDYINASLIKMEEAQRS
YILTQGPLPNTCGHFWEMVWEQKSRGVVMLNRVMEKGSLKCAQYWPQKEEKEMIFEDTNLKLTLISEDIKSYYTVRQLEL
ENLTTQETREILHFHYTTWPDFGVPESPASFLNFLFKVRESGSLSPEHGPVVVHCSAGIGRSGTFCLADTCLLLMDKRKD
PSSVDIKKVLLEMRKFRMGLIQTADQLRFSYLAVIEGAKFIMGDSSVQDQWKELSHED
;
_entity_poly.pdbx_strand_id   A,B
#
loop_
_chem_comp.id
_chem_comp.type
_chem_comp.name
_chem_comp.formula
YXF non-polymer 4-(3-ethyl-5-methyl-1H-pyrazol-1-yl)aniline 'C12 H15 N3'
#
# COMPACT_ATOMS: atom_id res chain seq x y z
N MET A 1 -2.59 15.38 -14.13
CA MET A 1 -3.40 15.59 -12.90
C MET A 1 -3.54 14.29 -12.12
N GLU A 2 -2.56 14.04 -11.26
CA GLU A 2 -2.64 12.95 -10.29
C GLU A 2 -3.99 13.03 -9.55
N MET A 3 -4.55 11.87 -9.28
CA MET A 3 -5.81 11.82 -8.54
C MET A 3 -5.59 12.49 -7.19
N GLU A 4 -4.40 12.21 -6.66
CA GLU A 4 -3.75 12.82 -5.54
C GLU A 4 -3.96 14.32 -5.47
N LYS A 5 -3.68 15.01 -6.57
CA LYS A 5 -3.76 16.48 -6.56
C LYS A 5 -5.18 16.98 -6.62
N GLU A 6 -6.02 16.29 -7.40
CA GLU A 6 -7.44 16.61 -7.43
C GLU A 6 -8.06 16.39 -6.03
N PHE A 7 -7.70 15.29 -5.37
CA PHE A 7 -8.15 15.04 -4.00
C PHE A 7 -7.87 16.20 -3.11
N GLU A 8 -6.63 16.66 -3.13
CA GLU A 8 -6.20 17.80 -2.29
C GLU A 8 -7.00 19.08 -2.56
N GLN A 9 -7.21 19.39 -3.83
CA GLN A 9 -8.09 20.51 -4.19
C GLN A 9 -9.53 20.37 -3.67
N ILE A 10 -10.16 19.21 -3.91
CA ILE A 10 -11.53 18.99 -3.41
C ILE A 10 -11.62 19.14 -1.90
N ASP A 11 -10.65 18.53 -1.19
CA ASP A 11 -10.59 18.60 0.28
C ASP A 11 -10.36 20.04 0.75
N LYS A 12 -9.43 20.75 0.11
CA LYS A 12 -9.20 22.16 0.46
C LYS A 12 -10.42 23.01 0.23
N SER A 13 -11.14 22.79 -0.87
CA SER A 13 -12.35 23.56 -1.14
C SER A 13 -13.60 23.15 -0.36
N GLY A 14 -13.60 22.02 0.34
CA GLY A 14 -14.80 21.48 0.98
C GLY A 14 -15.91 21.20 -0.01
N SER A 15 -15.58 20.71 -1.23
CA SER A 15 -16.55 20.58 -2.32
C SER A 15 -16.97 19.10 -2.65
N TRP A 16 -16.82 18.20 -1.68
CA TRP A 16 -17.21 16.80 -1.88
C TRP A 16 -18.70 16.70 -2.13
N ALA A 17 -19.51 17.42 -1.34
CA ALA A 17 -20.96 17.45 -1.53
C ALA A 17 -21.37 17.97 -2.90
N ALA A 18 -20.78 19.10 -3.34
CA ALA A 18 -21.05 19.66 -4.67
C ALA A 18 -20.67 18.68 -5.81
N ILE A 19 -19.51 18.03 -5.75
CA ILE A 19 -19.15 17.02 -6.77
CA ILE A 19 -19.17 17.05 -6.79
C ILE A 19 -20.16 15.86 -6.76
N TYR A 20 -20.51 15.39 -5.55
CA TYR A 20 -21.46 14.27 -5.42
C TYR A 20 -22.86 14.60 -5.98
N GLN A 21 -23.37 15.78 -5.64
CA GLN A 21 -24.61 16.24 -6.25
C GLN A 21 -24.49 16.43 -7.78
N ASP A 22 -23.33 16.83 -8.33
CA ASP A 22 -23.17 16.86 -9.83
C ASP A 22 -23.36 15.49 -10.40
N ILE A 23 -22.79 14.49 -9.73
CA ILE A 23 -22.85 13.09 -10.19
C ILE A 23 -24.26 12.62 -10.14
N ARG A 24 -24.98 12.91 -9.06
CA ARG A 24 -26.43 12.61 -9.02
C ARG A 24 -27.24 13.19 -10.22
N HIS A 25 -27.03 14.47 -10.54
CA HIS A 25 -27.75 15.12 -11.66
C HIS A 25 -27.44 14.53 -13.06
N GLU A 26 -26.21 14.12 -13.30
CA GLU A 26 -25.82 13.48 -14.55
C GLU A 26 -26.09 11.96 -14.67
N ALA A 27 -26.46 11.32 -13.57
CA ALA A 27 -26.65 9.88 -13.54
C ALA A 27 -27.79 9.43 -14.50
N SER A 28 -27.65 8.25 -15.12
CA SER A 28 -28.74 7.62 -15.89
C SER A 28 -29.98 7.32 -15.08
N ASP A 29 -31.11 7.39 -15.77
CA ASP A 29 -32.42 7.01 -15.28
C ASP A 29 -32.97 6.06 -16.33
N PHE A 30 -33.24 4.81 -15.94
CA PHE A 30 -33.78 3.79 -16.83
C PHE A 30 -34.99 3.25 -16.12
N PRO A 31 -35.93 2.65 -16.84
CA PRO A 31 -37.07 2.14 -16.08
C PRO A 31 -36.75 0.87 -15.27
N CYS A 32 -37.51 0.75 -14.19
CA CYS A 32 -37.60 -0.41 -13.35
C CYS A 32 -39.03 -0.94 -13.21
N ARG A 33 -39.73 -1.17 -14.31
CA ARG A 33 -41.15 -1.71 -14.26
C ARG A 33 -41.28 -3.02 -13.50
N VAL A 34 -40.43 -4.02 -13.82
CA VAL A 34 -40.56 -5.32 -13.19
C VAL A 34 -40.47 -5.24 -11.68
N ALA A 35 -39.55 -4.43 -11.20
CA ALA A 35 -39.30 -4.27 -9.78
C ALA A 35 -40.48 -3.66 -9.08
N LYS A 36 -41.26 -2.89 -9.83
CA LYS A 36 -42.41 -2.18 -9.28
C LYS A 36 -43.71 -2.98 -9.39
N LEU A 37 -43.73 -4.16 -10.03
CA LEU A 37 -44.95 -4.97 -10.01
C LEU A 37 -45.41 -5.22 -8.56
N PRO A 38 -46.72 -5.16 -8.34
CA PRO A 38 -47.26 -5.47 -6.98
C PRO A 38 -46.77 -6.80 -6.34
N LYS A 39 -46.64 -7.84 -7.13
CA LYS A 39 -46.20 -9.09 -6.62
C LYS A 39 -44.75 -9.13 -6.11
N ASN A 40 -43.95 -8.11 -6.45
CA ASN A 40 -42.55 -8.07 -6.08
C ASN A 40 -42.36 -7.16 -4.96
N LYS A 41 -43.44 -6.62 -4.42
CA LYS A 41 -43.28 -5.66 -3.31
C LYS A 41 -42.45 -6.24 -2.16
N ASN A 42 -42.72 -7.49 -1.78
CA ASN A 42 -42.04 -8.08 -0.64
C ASN A 42 -40.64 -8.63 -1.02
N ARG A 43 -40.21 -8.49 -2.28
CA ARG A 43 -38.85 -8.84 -2.65
C ARG A 43 -37.81 -7.65 -2.67
N ASN A 44 -38.24 -6.44 -2.26
CA ASN A 44 -37.44 -5.23 -2.23
C ASN A 44 -37.40 -4.75 -0.85
N ARG A 45 -36.18 -4.53 -0.35
CA ARG A 45 -35.95 -3.99 0.97
C ARG A 45 -36.41 -2.56 1.06
N TYR A 46 -36.15 -1.77 -0.01
CA TYR A 46 -36.54 -0.37 -0.05
C TYR A 46 -37.26 0.00 -1.32
N ARG A 47 -38.27 0.83 -1.18
CA ARG A 47 -39.12 1.15 -2.29
C ARG A 47 -38.37 2.01 -3.34
N ASP A 48 -37.37 2.75 -2.90
CA ASP A 48 -36.61 3.66 -3.76
C ASP A 48 -35.32 3.00 -4.32
N VAL A 49 -35.07 1.69 -4.08
CA VAL A 49 -33.85 1.05 -4.59
C VAL A 49 -34.29 -0.12 -5.40
N SER A 50 -34.22 0.08 -6.71
CA SER A 50 -34.65 -0.89 -7.67
C SER A 50 -33.59 -1.16 -8.72
N PRO A 51 -33.47 -2.43 -9.18
CA PRO A 51 -32.67 -2.70 -10.38
C PRO A 51 -33.38 -2.25 -11.67
N PHE A 52 -32.62 -1.68 -12.58
CA PHE A 52 -33.13 -1.37 -13.91
C PHE A 52 -33.49 -2.64 -14.60
N ASP A 53 -34.55 -2.60 -15.42
CA ASP A 53 -34.97 -3.77 -16.18
C ASP A 53 -33.88 -4.29 -17.11
N HIS A 54 -33.10 -3.43 -17.71
CA HIS A 54 -32.13 -3.89 -18.76
C HIS A 54 -30.94 -4.64 -18.17
N SER A 55 -30.61 -4.40 -16.91
CA SER A 55 -29.42 -5.01 -16.31
C SER A 55 -29.82 -5.94 -15.09
N ARG A 56 -31.14 -6.11 -14.80
CA ARG A 56 -31.52 -6.99 -13.68
C ARG A 56 -31.16 -8.46 -13.95
N ILE A 57 -30.73 -9.14 -12.90
CA ILE A 57 -30.57 -10.59 -12.86
C ILE A 57 -31.94 -11.27 -12.85
N LYS A 58 -32.15 -12.14 -13.82
CA LYS A 58 -33.34 -13.01 -13.83
C LYS A 58 -33.08 -14.32 -13.13
N LEU A 59 -33.90 -14.67 -12.17
CA LEU A 59 -33.88 -16.08 -11.68
C LEU A 59 -34.39 -17.03 -12.78
N HIS A 60 -33.71 -18.16 -13.02
CA HIS A 60 -34.09 -19.16 -14.05
C HIS A 60 -35.20 -20.11 -13.56
N GLN A 61 -36.13 -19.61 -12.77
CA GLN A 61 -37.28 -20.35 -12.34
C GLN A 61 -38.46 -19.77 -13.07
N GLU A 62 -39.60 -20.45 -12.93
CA GLU A 62 -40.79 -20.19 -13.74
C GLU A 62 -41.81 -19.22 -13.11
N ASP A 63 -42.11 -19.33 -11.82
CA ASP A 63 -43.24 -18.57 -11.23
C ASP A 63 -42.99 -17.06 -11.17
N ASN A 64 -41.80 -16.69 -10.68
CA ASN A 64 -41.41 -15.28 -10.51
C ASN A 64 -39.85 -15.23 -10.62
N ASP A 65 -39.40 -14.54 -11.64
CA ASP A 65 -37.97 -14.49 -11.93
C ASP A 65 -37.26 -13.32 -11.23
N TYR A 66 -37.94 -12.57 -10.34
CA TYR A 66 -37.45 -11.31 -9.82
C TYR A 66 -36.59 -11.42 -8.54
N ILE A 67 -35.43 -10.78 -8.61
CA ILE A 67 -34.57 -10.52 -7.46
C ILE A 67 -33.97 -9.10 -7.60
N ASN A 68 -33.92 -8.36 -6.49
CA ASN A 68 -33.27 -7.09 -6.44
C ASN A 68 -31.74 -7.26 -6.59
N ALA A 69 -31.28 -7.36 -7.83
CA ALA A 69 -29.88 -7.59 -8.18
C ALA A 69 -29.64 -7.12 -9.65
N SER A 70 -28.46 -6.57 -9.92
CA SER A 70 -28.03 -5.93 -11.16
C SER A 70 -26.65 -6.46 -11.60
N LEU A 71 -26.53 -6.73 -12.89
CA LEU A 71 -25.26 -7.11 -13.47
C LEU A 71 -24.59 -5.80 -13.97
N ILE A 72 -23.47 -5.47 -13.36
CA ILE A 72 -22.60 -4.36 -13.72
C ILE A 72 -21.51 -5.01 -14.62
N LYS A 73 -21.53 -4.67 -15.90
CA LYS A 73 -20.60 -5.16 -16.89
C LYS A 73 -19.61 -4.03 -17.23
N MET A 74 -18.34 -4.10 -16.80
CA MET A 74 -17.40 -3.02 -17.11
C MET A 74 -16.56 -3.53 -18.29
N GLU A 75 -16.84 -2.98 -19.46
CA GLU A 75 -16.33 -3.57 -20.69
C GLU A 75 -14.84 -3.39 -20.90
N GLU A 76 -14.33 -2.20 -20.71
CA GLU A 76 -12.90 -1.96 -20.85
C GLU A 76 -12.09 -2.60 -19.72
N ALA A 77 -12.56 -2.49 -18.46
CA ALA A 77 -11.89 -3.22 -17.38
C ALA A 77 -11.95 -4.76 -17.51
N GLN A 78 -12.84 -5.29 -18.37
CA GLN A 78 -13.11 -6.73 -18.56
C GLN A 78 -13.49 -7.48 -17.24
N ARG A 79 -14.31 -6.86 -16.41
CA ARG A 79 -14.78 -7.51 -15.20
C ARG A 79 -16.28 -7.20 -15.05
N SER A 80 -17.00 -8.15 -14.45
CA SER A 80 -18.41 -8.01 -14.18
C SER A 80 -18.65 -8.26 -12.71
N TYR A 81 -19.72 -7.67 -12.17
CA TYR A 81 -20.09 -7.79 -10.75
C TYR A 81 -21.63 -7.87 -10.69
N ILE A 82 -22.20 -8.65 -9.74
CA ILE A 82 -23.57 -8.56 -9.46
C ILE A 82 -23.68 -7.79 -8.19
N LEU A 83 -24.47 -6.74 -8.15
CA LEU A 83 -24.72 -5.97 -6.93
C LEU A 83 -26.15 -6.16 -6.59
N THR A 84 -26.37 -6.51 -5.33
CA THR A 84 -27.67 -6.98 -4.78
C THR A 84 -27.88 -6.42 -3.38
N GLN A 85 -29.13 -6.27 -2.98
CA GLN A 85 -29.47 -5.86 -1.62
C GLN A 85 -29.14 -7.05 -0.69
N GLY A 86 -29.02 -6.76 0.58
CA GLY A 86 -28.95 -7.82 1.61
C GLY A 86 -30.20 -8.66 1.56
N PRO A 87 -30.05 -9.99 1.55
CA PRO A 87 -31.23 -10.86 1.47
C PRO A 87 -32.25 -10.52 2.53
N LEU A 88 -33.53 -10.68 2.17
CA LEU A 88 -34.65 -10.53 3.11
C LEU A 88 -34.96 -11.89 3.64
N PRO A 89 -35.74 -12.00 4.76
CA PRO A 89 -36.09 -13.39 5.25
C PRO A 89 -36.71 -14.27 4.20
N ASN A 90 -37.54 -13.71 3.31
CA ASN A 90 -38.19 -14.46 2.25
C ASN A 90 -37.41 -14.58 0.95
N THR A 91 -36.23 -13.93 0.84
CA THR A 91 -35.48 -13.95 -0.43
C THR A 91 -34.14 -14.65 -0.33
N CYS A 92 -33.89 -15.33 0.79
CA CYS A 92 -32.62 -16.08 0.95
C CYS A 92 -32.48 -17.21 -0.02
N GLY A 93 -33.55 -17.95 -0.26
CA GLY A 93 -33.45 -19.01 -1.29
C GLY A 93 -33.19 -18.41 -2.66
N HIS A 94 -33.77 -17.25 -2.92
CA HIS A 94 -33.61 -16.63 -4.26
C HIS A 94 -32.17 -16.11 -4.43
N PHE A 95 -31.59 -15.54 -3.35
CA PHE A 95 -30.16 -15.19 -3.32
C PHE A 95 -29.27 -16.37 -3.73
N TRP A 96 -29.54 -17.57 -3.18
CA TRP A 96 -28.64 -18.68 -3.44
C TRP A 96 -28.87 -19.32 -4.76
N GLU A 97 -30.12 -19.29 -5.17
CA GLU A 97 -30.45 -19.61 -6.55
C GLU A 97 -29.72 -18.73 -7.55
N MET A 98 -29.75 -17.44 -7.32
CA MET A 98 -28.89 -16.56 -8.17
C MET A 98 -27.41 -16.94 -8.20
N VAL A 99 -26.84 -17.22 -7.01
CA VAL A 99 -25.44 -17.63 -6.91
C VAL A 99 -25.18 -18.88 -7.74
N TRP A 100 -26.09 -19.81 -7.58
CA TRP A 100 -26.01 -21.08 -8.32
C TRP A 100 -26.08 -20.83 -9.84
N GLU A 101 -27.13 -20.13 -10.26
CA GLU A 101 -27.37 -20.00 -11.70
C GLU A 101 -26.35 -19.17 -12.39
N GLN A 102 -25.78 -18.18 -11.70
CA GLN A 102 -24.81 -17.30 -12.33
C GLN A 102 -23.36 -17.83 -12.26
N LYS A 103 -23.17 -18.91 -11.52
CA LYS A 103 -21.89 -19.64 -11.37
C LYS A 103 -20.81 -18.86 -10.63
N SER A 104 -21.28 -17.98 -9.74
CA SER A 104 -20.45 -17.23 -8.95
C SER A 104 -19.65 -18.11 -8.03
N ARG A 105 -18.47 -17.63 -7.73
CA ARG A 105 -17.56 -18.31 -6.85
C ARG A 105 -17.44 -17.61 -5.54
N GLY A 106 -17.77 -16.34 -5.50
CA GLY A 106 -17.53 -15.60 -4.31
C GLY A 106 -18.74 -14.75 -4.03
N VAL A 107 -18.94 -14.43 -2.77
CA VAL A 107 -19.91 -13.47 -2.36
C VAL A 107 -19.15 -12.51 -1.43
N VAL A 108 -19.32 -11.22 -1.68
CA VAL A 108 -18.77 -10.23 -0.84
C VAL A 108 -19.86 -9.49 -0.08
N MET A 109 -19.72 -9.45 1.22
CA MET A 109 -20.67 -8.82 2.12
C MET A 109 -20.00 -7.70 2.86
N LEU A 110 -20.62 -6.51 2.89
CA LEU A 110 -19.99 -5.35 3.46
C LEU A 110 -20.73 -4.69 4.64
N ASN A 111 -21.66 -5.43 5.23
CA ASN A 111 -22.45 -4.93 6.36
C ASN A 111 -22.52 -6.06 7.37
N ARG A 112 -23.05 -5.73 8.55
CA ARG A 112 -23.35 -6.72 9.57
C ARG A 112 -24.86 -6.95 9.50
N VAL A 113 -25.32 -8.11 9.96
CA VAL A 113 -26.78 -8.43 9.91
C VAL A 113 -27.58 -7.44 10.74
N MET A 114 -26.92 -6.91 11.76
CA MET A 114 -27.54 -6.01 12.77
C MET A 114 -26.66 -4.76 12.89
N GLU A 115 -27.19 -3.57 12.59
CA GLU A 115 -26.44 -2.29 12.75
C GLU A 115 -27.43 -1.25 13.26
N LYS A 116 -26.96 -0.34 14.10
CA LYS A 116 -27.83 0.63 14.80
C LYS A 116 -29.16 0.05 15.34
N GLY A 117 -29.08 -1.18 15.85
CA GLY A 117 -30.24 -1.93 16.35
C GLY A 117 -31.32 -2.28 15.33
N SER A 118 -30.99 -2.27 14.03
CA SER A 118 -31.95 -2.67 12.99
C SER A 118 -31.39 -3.81 12.17
N LEU A 119 -32.27 -4.66 11.69
CA LEU A 119 -31.86 -5.75 10.84
C LEU A 119 -31.56 -5.16 9.45
N LYS A 120 -30.33 -5.27 9.01
CA LYS A 120 -29.88 -4.77 7.73
C LYS A 120 -29.91 -5.88 6.64
N CYS A 121 -30.05 -7.12 7.10
CA CYS A 121 -29.73 -8.27 6.33
C CYS A 121 -30.13 -9.52 7.10
N ALA A 122 -30.74 -10.48 6.40
CA ALA A 122 -31.11 -11.75 7.01
C ALA A 122 -29.82 -12.56 7.18
N GLN A 123 -29.85 -13.51 8.13
CA GLN A 123 -28.77 -14.41 8.39
C GLN A 123 -28.93 -15.49 7.35
N TYR A 124 -28.30 -15.25 6.23
CA TYR A 124 -28.62 -16.06 5.04
C TYR A 124 -27.63 -17.13 4.83
N TRP A 125 -26.62 -17.16 5.69
CA TRP A 125 -25.64 -18.31 5.76
C TRP A 125 -25.63 -18.93 7.19
N PRO A 126 -25.18 -20.20 7.27
CA PRO A 126 -25.14 -20.90 8.59
C PRO A 126 -23.98 -20.41 9.47
N GLN A 127 -24.24 -20.10 10.73
CA GLN A 127 -23.21 -19.69 11.63
C GLN A 127 -22.43 -20.89 12.21
N LYS A 128 -23.00 -22.09 12.14
CA LYS A 128 -22.35 -23.30 12.70
C LYS A 128 -22.31 -24.39 11.68
N GLU A 129 -21.16 -25.08 11.66
CA GLU A 129 -20.92 -26.19 10.76
C GLU A 129 -22.07 -27.23 10.78
N GLU A 130 -22.49 -27.56 11.99
CA GLU A 130 -23.42 -28.63 12.27
C GLU A 130 -24.89 -28.24 12.04
N LYS A 131 -25.21 -26.98 11.76
CA LYS A 131 -26.59 -26.61 11.48
C LYS A 131 -26.67 -26.03 10.09
N GLU A 132 -26.73 -26.91 9.09
CA GLU A 132 -26.89 -26.50 7.70
C GLU A 132 -28.25 -25.81 7.50
N MET A 133 -28.39 -25.12 6.35
CA MET A 133 -29.64 -24.41 6.00
C MET A 133 -30.15 -25.02 4.75
N ILE A 134 -31.45 -25.28 4.78
CA ILE A 134 -32.14 -25.83 3.63
C ILE A 134 -33.03 -24.71 3.17
N PHE A 135 -32.88 -24.32 1.91
CA PHE A 135 -33.88 -23.43 1.25
C PHE A 135 -34.89 -24.29 0.49
N GLU A 136 -36.04 -24.53 1.11
CA GLU A 136 -37.09 -25.45 0.53
C GLU A 136 -37.63 -24.98 -0.83
N ASP A 137 -37.91 -23.67 -0.92
CA ASP A 137 -38.45 -23.08 -2.15
C ASP A 137 -37.55 -23.17 -3.36
N THR A 138 -36.22 -23.09 -3.20
CA THR A 138 -35.33 -23.16 -4.37
C THR A 138 -34.52 -24.46 -4.42
N ASN A 139 -34.78 -25.37 -3.47
CA ASN A 139 -34.20 -26.72 -3.40
C ASN A 139 -32.71 -26.76 -3.26
N LEU A 140 -32.25 -25.94 -2.32
CA LEU A 140 -30.80 -25.76 -2.11
C LEU A 140 -30.43 -26.07 -0.70
N LYS A 141 -29.30 -26.73 -0.56
CA LYS A 141 -28.70 -26.85 0.77
C LYS A 141 -27.41 -26.11 0.90
N LEU A 142 -27.31 -25.39 2.02
CA LEU A 142 -26.07 -24.65 2.34
C LEU A 142 -25.38 -25.01 3.67
N THR A 143 -24.09 -25.38 3.60
CA THR A 143 -23.30 -25.77 4.78
C THR A 143 -22.08 -24.88 4.99
N LEU A 144 -21.89 -24.44 6.24
CA LEU A 144 -20.60 -23.86 6.69
C LEU A 144 -19.48 -24.92 6.78
N ILE A 145 -18.49 -24.84 5.91
CA ILE A 145 -17.36 -25.77 5.89
C ILE A 145 -16.24 -25.30 6.79
N SER A 146 -15.91 -24.02 6.73
CA SER A 146 -14.87 -23.46 7.62
C SER A 146 -14.93 -21.95 7.64
N GLU A 147 -14.27 -21.38 8.62
CA GLU A 147 -14.29 -19.94 8.72
C GLU A 147 -12.95 -19.47 9.31
N ASP A 148 -12.47 -18.34 8.79
CA ASP A 148 -11.20 -17.72 9.20
C ASP A 148 -11.51 -16.31 9.62
N ILE A 149 -11.68 -16.09 10.92
CA ILE A 149 -11.98 -14.77 11.44
C ILE A 149 -10.68 -13.98 11.63
N LYS A 150 -10.55 -12.87 10.93
CA LYS A 150 -9.50 -11.92 11.23
C LYS A 150 -10.10 -10.64 11.81
N SER A 151 -9.26 -9.66 12.11
CA SER A 151 -9.70 -8.48 12.88
C SER A 151 -10.59 -7.50 12.06
N TYR A 152 -10.40 -7.38 10.74
CA TYR A 152 -11.29 -6.51 9.95
C TYR A 152 -12.27 -7.24 9.03
N TYR A 153 -12.11 -8.55 8.88
CA TYR A 153 -12.92 -9.30 7.93
C TYR A 153 -12.84 -10.79 8.22
N THR A 154 -13.82 -11.55 7.70
CA THR A 154 -13.92 -13.02 7.87
C THR A 154 -14.10 -13.65 6.47
N VAL A 155 -13.37 -14.72 6.16
CA VAL A 155 -13.57 -15.53 4.93
C VAL A 155 -14.12 -16.88 5.32
N ARG A 156 -15.26 -17.28 4.76
CA ARG A 156 -15.88 -18.58 5.01
C ARG A 156 -15.85 -19.37 3.75
N GLN A 157 -15.73 -20.66 3.94
CA GLN A 157 -15.86 -21.57 2.89
C GLN A 157 -17.23 -22.19 3.11
N LEU A 158 -18.11 -22.10 2.10
CA LEU A 158 -19.42 -22.64 2.16
C LEU A 158 -19.56 -23.69 1.09
N GLU A 159 -20.36 -24.73 1.34
CA GLU A 159 -20.74 -25.67 0.29
C GLU A 159 -22.24 -25.50 -0.03
N LEU A 160 -22.51 -25.23 -1.28
CA LEU A 160 -23.84 -25.08 -1.78
C LEU A 160 -24.11 -26.32 -2.61
N GLU A 161 -25.21 -26.99 -2.28
CA GLU A 161 -25.67 -28.19 -2.98
C GLU A 161 -27.05 -28.00 -3.58
N ASN A 162 -27.17 -28.42 -4.84
CA ASN A 162 -28.42 -28.44 -5.62
C ASN A 162 -29.06 -29.78 -5.27
N LEU A 163 -30.09 -29.78 -4.47
CA LEU A 163 -30.74 -31.01 -4.01
C LEU A 163 -31.49 -31.78 -5.11
N THR A 164 -31.68 -31.14 -6.28
CA THR A 164 -32.30 -31.69 -7.48
C THR A 164 -31.32 -32.58 -8.21
N THR A 165 -30.05 -32.19 -8.26
CA THR A 165 -29.02 -32.95 -9.00
C THR A 165 -27.96 -33.56 -8.07
N GLN A 166 -27.92 -33.12 -6.81
CA GLN A 166 -26.82 -33.43 -5.90
C GLN A 166 -25.42 -32.87 -6.31
N GLU A 167 -25.33 -31.97 -7.32
CA GLU A 167 -24.11 -31.24 -7.59
CA GLU A 167 -24.07 -31.29 -7.57
C GLU A 167 -23.84 -30.37 -6.36
N THR A 168 -22.59 -30.15 -6.03
CA THR A 168 -22.16 -29.30 -4.93
C THR A 168 -21.13 -28.36 -5.48
N ARG A 169 -21.01 -27.22 -4.84
CA ARG A 169 -20.01 -26.24 -5.25
C ARG A 169 -19.51 -25.53 -4.03
N GLU A 170 -18.26 -25.20 -4.04
CA GLU A 170 -17.64 -24.41 -2.98
C GLU A 170 -17.81 -22.92 -3.29
N ILE A 171 -18.37 -22.16 -2.36
CA ILE A 171 -18.54 -20.75 -2.44
C ILE A 171 -17.66 -20.10 -1.41
N LEU A 172 -16.95 -19.03 -1.77
CA LEU A 172 -16.22 -18.29 -0.78
C LEU A 172 -17.04 -17.10 -0.37
N HIS A 173 -17.18 -16.87 0.92
CA HIS A 173 -17.93 -15.76 1.49
C HIS A 173 -16.89 -14.79 2.14
N PHE A 174 -16.70 -13.60 1.56
CA PHE A 174 -15.80 -12.59 2.07
C PHE A 174 -16.61 -11.52 2.75
N HIS A 175 -16.48 -11.45 4.05
CA HIS A 175 -17.32 -10.56 4.89
C HIS A 175 -16.49 -9.49 5.56
N TYR A 176 -16.64 -8.24 5.14
CA TYR A 176 -15.96 -7.15 5.75
C TYR A 176 -16.79 -6.78 6.94
N THR A 177 -16.26 -7.03 8.16
CA THR A 177 -17.06 -6.94 9.39
C THR A 177 -16.98 -5.65 10.16
N THR A 178 -16.17 -4.71 9.73
CA THR A 178 -15.87 -3.53 10.54
C THR A 178 -16.18 -2.16 9.87
N TRP A 179 -17.02 -2.11 8.85
CA TRP A 179 -17.50 -0.79 8.38
C TRP A 179 -18.23 -0.08 9.55
N PRO A 180 -17.86 1.19 9.87
CA PRO A 180 -18.49 1.82 11.03
C PRO A 180 -19.99 1.90 10.87
N ASP A 181 -20.69 1.88 12.00
CA ASP A 181 -22.11 2.19 12.01
C ASP A 181 -22.46 3.51 11.30
N PHE A 182 -21.64 4.54 11.50
CA PHE A 182 -21.87 5.86 10.91
C PHE A 182 -20.64 6.25 10.13
N GLY A 183 -20.85 6.87 8.97
CA GLY A 183 -19.79 7.39 8.14
C GLY A 183 -19.03 6.25 7.47
N VAL A 184 -17.79 6.52 7.16
CA VAL A 184 -16.92 5.58 6.42
C VAL A 184 -15.68 5.29 7.23
N PRO A 185 -14.94 4.20 6.92
CA PRO A 185 -13.66 3.95 7.58
C PRO A 185 -12.77 5.12 7.42
N GLU A 186 -12.10 5.52 8.50
CA GLU A 186 -11.18 6.66 8.47
C GLU A 186 -10.03 6.39 7.52
N SER A 187 -9.58 5.15 7.46
CA SER A 187 -8.53 4.76 6.52
C SER A 187 -9.09 3.68 5.65
N PRO A 188 -8.72 3.68 4.36
CA PRO A 188 -9.07 2.56 3.50
C PRO A 188 -8.10 1.39 3.55
N ALA A 189 -7.10 1.39 4.46
CA ALA A 189 -6.15 0.26 4.54
C ALA A 189 -6.82 -1.12 4.67
N SER A 190 -7.77 -1.27 5.57
CA SER A 190 -8.33 -2.61 5.81
C SER A 190 -9.28 -3.03 4.64
N PHE A 191 -10.04 -2.05 4.14
CA PHE A 191 -10.87 -2.25 2.95
C PHE A 191 -10.05 -2.72 1.73
N LEU A 192 -8.87 -2.14 1.55
CA LEU A 192 -7.96 -2.50 0.41
C LEU A 192 -7.37 -3.88 0.56
N ASN A 193 -6.84 -4.18 1.74
CA ASN A 193 -6.40 -5.56 2.13
C ASN A 193 -7.49 -6.63 1.89
N PHE A 194 -8.67 -6.34 2.39
CA PHE A 194 -9.92 -7.11 1.99
C PHE A 194 -10.06 -7.32 0.51
N LEU A 195 -10.09 -6.20 -0.26
CA LEU A 195 -10.19 -6.29 -1.72
C LEU A 195 -9.09 -7.15 -2.34
N PHE A 196 -7.85 -7.00 -1.90
CA PHE A 196 -6.77 -7.84 -2.51
C PHE A 196 -6.94 -9.33 -2.14
N LYS A 197 -7.43 -9.60 -0.93
CA LYS A 197 -7.83 -10.99 -0.57
C LYS A 197 -8.87 -11.62 -1.52
N VAL A 198 -9.96 -10.89 -1.73
CA VAL A 198 -10.97 -11.35 -2.71
C VAL A 198 -10.29 -11.61 -4.07
N ARG A 199 -9.54 -10.62 -4.63
CA ARG A 199 -8.75 -10.86 -5.88
C ARG A 199 -7.84 -12.07 -5.84
N GLU A 200 -7.04 -12.20 -4.76
CA GLU A 200 -6.14 -13.37 -4.57
C GLU A 200 -6.82 -14.71 -4.60
N SER A 201 -8.01 -14.80 -4.01
CA SER A 201 -8.85 -16.07 -4.05
C SER A 201 -9.24 -16.58 -5.44
N GLY A 202 -9.13 -15.75 -6.50
CA GLY A 202 -9.58 -16.18 -7.82
C GLY A 202 -11.06 -16.00 -8.12
N SER A 203 -11.82 -15.45 -7.19
CA SER A 203 -13.29 -15.29 -7.33
C SER A 203 -13.72 -14.23 -8.34
N LEU A 204 -12.80 -13.30 -8.67
CA LEU A 204 -12.96 -12.26 -9.68
C LEU A 204 -12.37 -12.63 -11.02
N SER A 205 -11.89 -13.85 -11.14
CA SER A 205 -11.38 -14.29 -12.39
C SER A 205 -12.47 -14.61 -13.45
N PRO A 206 -12.08 -14.48 -14.74
CA PRO A 206 -13.01 -14.79 -15.83
C PRO A 206 -13.44 -16.23 -15.95
N GLU A 207 -12.80 -17.15 -15.26
CA GLU A 207 -13.29 -18.55 -15.28
C GLU A 207 -14.51 -18.74 -14.40
N HIS A 208 -14.85 -17.73 -13.58
CA HIS A 208 -16.07 -17.78 -12.80
C HIS A 208 -17.15 -16.83 -13.29
N GLY A 209 -18.35 -17.08 -12.81
CA GLY A 209 -19.41 -16.11 -12.87
C GLY A 209 -19.11 -14.86 -12.06
N PRO A 210 -19.84 -13.76 -12.34
CA PRO A 210 -19.55 -12.57 -11.62
C PRO A 210 -19.66 -12.77 -10.11
N VAL A 211 -18.75 -12.13 -9.41
CA VAL A 211 -18.83 -12.05 -7.98
C VAL A 211 -20.10 -11.36 -7.50
N VAL A 212 -20.63 -11.82 -6.38
CA VAL A 212 -21.85 -11.24 -5.85
C VAL A 212 -21.52 -10.30 -4.72
N VAL A 213 -21.94 -9.04 -4.79
CA VAL A 213 -21.60 -8.08 -3.78
C VAL A 213 -22.85 -7.46 -3.20
N HIS A 214 -22.91 -7.31 -1.89
CA HIS A 214 -24.03 -6.63 -1.31
C HIS A 214 -23.66 -5.95 -0.02
N CYS A 215 -24.52 -5.03 0.39
CA CYS A 215 -24.49 -4.40 1.68
C CYS A 215 -25.96 -4.49 2.06
N SER A 216 -26.55 -3.51 2.70
CA SER A 216 -27.99 -3.64 2.97
C SER A 216 -28.86 -3.34 1.71
N ALA A 217 -28.73 -2.16 1.08
CA ALA A 217 -29.47 -1.79 -0.13
C ALA A 217 -28.73 -2.20 -1.42
N GLY A 218 -27.44 -2.51 -1.32
CA GLY A 218 -26.71 -2.98 -2.55
C GLY A 218 -26.25 -1.83 -3.45
N ILE A 219 -26.15 -0.61 -2.90
CA ILE A 219 -25.74 0.53 -3.72
C ILE A 219 -24.60 1.41 -3.13
N GLY A 220 -24.51 1.54 -1.80
CA GLY A 220 -23.56 2.43 -1.13
C GLY A 220 -22.20 1.83 -0.93
N ARG A 221 -22.07 1.04 0.13
CA ARG A 221 -20.78 0.37 0.36
C ARG A 221 -20.44 -0.56 -0.78
N SER A 222 -21.46 -1.16 -1.39
CA SER A 222 -21.24 -2.13 -2.50
C SER A 222 -20.66 -1.39 -3.69
N GLY A 223 -21.12 -0.18 -3.88
CA GLY A 223 -20.62 0.67 -4.92
C GLY A 223 -19.16 1.04 -4.74
N THR A 224 -18.77 1.30 -3.51
CA THR A 224 -17.33 1.58 -3.23
C THR A 224 -16.42 0.44 -3.60
N PHE A 225 -16.83 -0.79 -3.31
CA PHE A 225 -15.99 -1.97 -3.61
C PHE A 225 -15.79 -2.13 -5.11
N CYS A 226 -16.88 -2.13 -5.85
CA CYS A 226 -16.78 -2.32 -7.31
C CYS A 226 -16.04 -1.09 -7.99
N LEU A 227 -16.41 0.13 -7.56
CA LEU A 227 -15.77 1.35 -8.12
C LEU A 227 -14.22 1.33 -7.94
N ALA A 228 -13.83 1.01 -6.70
CA ALA A 228 -12.44 0.92 -6.33
C ALA A 228 -11.73 -0.16 -7.20
N ASP A 229 -12.29 -1.34 -7.24
CA ASP A 229 -11.71 -2.47 -7.99
C ASP A 229 -11.63 -2.19 -9.50
N THR A 230 -12.71 -1.63 -10.06
CA THR A 230 -12.66 -1.28 -11.48
C THR A 230 -11.63 -0.16 -11.75
N CYS A 231 -11.61 0.90 -10.94
CA CYS A 231 -10.63 1.95 -11.16
C CYS A 231 -9.22 1.36 -11.14
N LEU A 232 -8.94 0.52 -10.16
CA LEU A 232 -7.62 -0.12 -10.06
C LEU A 232 -7.28 -0.96 -11.32
N LEU A 233 -8.16 -1.84 -11.71
CA LEU A 233 -8.05 -2.54 -13.03
C LEU A 233 -7.81 -1.63 -14.23
N LEU A 234 -8.52 -0.51 -14.28
CA LEU A 234 -8.34 0.42 -15.42
C LEU A 234 -6.94 1.07 -15.43
N MET A 235 -6.47 1.51 -14.28
CA MET A 235 -5.10 2.04 -14.13
C MET A 235 -3.97 1.10 -14.64
N ASP A 236 -4.00 -0.13 -14.17
CA ASP A 236 -3.11 -1.17 -14.62
C ASP A 236 -3.23 -1.47 -16.10
N LYS A 237 -4.45 -1.43 -16.65
CA LYS A 237 -4.67 -1.77 -18.05
C LYS A 237 -4.05 -0.72 -18.94
N ARG A 238 -4.37 0.54 -18.65
CA ARG A 238 -4.01 1.65 -19.49
C ARG A 238 -2.58 1.96 -19.24
N LYS A 239 -1.95 2.51 -20.26
CA LYS A 239 -0.54 2.78 -20.19
C LYS A 239 -0.39 3.82 -19.11
N ASP A 240 -1.36 4.72 -19.05
CA ASP A 240 -1.41 5.82 -18.09
C ASP A 240 -2.41 5.55 -16.96
N PRO A 241 -1.94 5.54 -15.69
CA PRO A 241 -2.83 5.56 -14.51
C PRO A 241 -3.46 6.92 -14.15
N SER A 242 -2.80 8.04 -14.47
CA SER A 242 -3.38 9.38 -14.23
C SER A 242 -4.51 9.75 -15.22
N SER A 243 -4.73 8.98 -16.28
CA SER A 243 -5.92 9.11 -17.14
C SER A 243 -7.24 8.43 -16.66
N VAL A 244 -7.26 7.76 -15.49
CA VAL A 244 -8.53 7.21 -14.98
C VAL A 244 -9.26 8.26 -14.17
N ASP A 245 -10.48 8.56 -14.59
CA ASP A 245 -11.33 9.51 -13.90
C ASP A 245 -12.47 8.75 -13.17
N ILE A 246 -12.33 8.71 -11.85
CA ILE A 246 -13.22 7.96 -10.98
CA ILE A 246 -13.22 8.04 -10.90
C ILE A 246 -14.68 8.41 -11.13
N LYS A 247 -14.90 9.70 -11.44
CA LYS A 247 -16.20 10.32 -11.64
C LYS A 247 -16.87 9.68 -12.87
N LYS A 248 -16.10 9.54 -13.94
CA LYS A 248 -16.64 8.99 -15.18
C LYS A 248 -16.83 7.49 -15.05
N VAL A 249 -15.95 6.83 -14.29
CA VAL A 249 -16.12 5.35 -14.01
C VAL A 249 -17.41 5.15 -13.21
N LEU A 250 -17.60 5.96 -12.15
CA LEU A 250 -18.83 5.87 -11.38
C LEU A 250 -20.11 6.02 -12.23
N LEU A 251 -20.10 7.04 -13.09
CA LEU A 251 -21.24 7.29 -14.02
C LEU A 251 -21.49 6.13 -14.96
N GLU A 252 -20.42 5.50 -15.41
CA GLU A 252 -20.52 4.33 -16.21
C GLU A 252 -21.22 3.17 -15.41
N MET A 253 -20.88 2.95 -14.13
CA MET A 253 -21.48 1.89 -13.35
C MET A 253 -22.95 2.17 -13.02
N ARG A 254 -23.23 3.45 -12.80
CA ARG A 254 -24.59 3.94 -12.63
C ARG A 254 -25.51 3.77 -13.82
N LYS A 255 -24.98 3.38 -14.99
CA LYS A 255 -25.81 2.93 -16.11
C LYS A 255 -26.43 1.54 -15.85
N PHE A 256 -25.84 0.77 -14.90
CA PHE A 256 -26.26 -0.59 -14.64
C PHE A 256 -27.02 -0.73 -13.32
N ARG A 257 -26.78 0.15 -12.37
CA ARG A 257 -27.63 0.16 -11.15
C ARG A 257 -27.70 1.54 -10.59
N MET A 258 -28.90 1.97 -10.16
CA MET A 258 -29.04 3.31 -9.61
C MET A 258 -28.31 3.50 -8.33
N GLY A 259 -27.84 4.72 -8.09
CA GLY A 259 -27.57 5.19 -6.74
C GLY A 259 -26.22 4.78 -6.21
N LEU A 260 -25.35 4.19 -7.05
CA LEU A 260 -24.10 3.66 -6.53
C LEU A 260 -23.25 4.78 -5.96
N ILE A 261 -22.81 4.60 -4.70
CA ILE A 261 -22.21 5.63 -3.86
C ILE A 261 -23.33 6.56 -3.46
N GLN A 262 -23.63 6.56 -2.17
CA GLN A 262 -24.83 7.18 -1.64
C GLN A 262 -24.63 8.41 -0.81
N THR A 263 -23.39 8.81 -0.55
CA THR A 263 -23.07 9.99 0.25
C THR A 263 -21.83 10.59 -0.32
N ALA A 264 -21.68 11.89 -0.10
CA ALA A 264 -20.41 12.57 -0.39
C ALA A 264 -19.19 11.92 0.34
N ASP A 265 -19.39 11.49 1.59
CA ASP A 265 -18.36 10.73 2.38
C ASP A 265 -17.88 9.45 1.68
N GLN A 266 -18.84 8.70 1.13
CA GLN A 266 -18.56 7.49 0.43
C GLN A 266 -17.78 7.76 -0.85
N LEU A 267 -18.13 8.86 -1.52
CA LEU A 267 -17.35 9.32 -2.68
C LEU A 267 -15.87 9.68 -2.31
N ARG A 268 -15.72 10.49 -1.29
CA ARG A 268 -14.38 10.76 -0.75
C ARG A 268 -13.57 9.49 -0.37
N PHE A 269 -14.21 8.55 0.37
CA PHE A 269 -13.61 7.31 0.71
C PHE A 269 -13.15 6.50 -0.53
N SER A 270 -13.99 6.48 -1.57
CA SER A 270 -13.64 5.74 -2.76
C SER A 270 -12.45 6.34 -3.48
N TYR A 271 -12.40 7.68 -3.56
CA TYR A 271 -11.16 8.41 -4.01
C TYR A 271 -9.96 7.93 -3.23
N LEU A 272 -10.09 7.98 -1.92
CA LEU A 272 -8.96 7.57 -1.02
C LEU A 272 -8.50 6.16 -1.30
N ALA A 273 -9.47 5.28 -1.49
CA ALA A 273 -9.16 3.88 -1.63
C ALA A 273 -8.42 3.64 -2.93
N VAL A 274 -8.89 4.25 -4.01
CA VAL A 274 -8.20 4.14 -5.31
C VAL A 274 -6.75 4.76 -5.27
N ILE A 275 -6.65 5.91 -4.64
CA ILE A 275 -5.33 6.59 -4.52
C ILE A 275 -4.36 5.67 -3.74
N GLU A 276 -4.82 5.12 -2.59
CA GLU A 276 -3.92 4.28 -1.74
C GLU A 276 -3.68 2.94 -2.35
N GLY A 277 -4.66 2.46 -3.07
CA GLY A 277 -4.58 1.20 -3.75
C GLY A 277 -3.56 1.22 -4.86
N ALA A 278 -3.64 2.24 -5.73
CA ALA A 278 -2.66 2.50 -6.83
C ALA A 278 -1.21 2.61 -6.31
N LYS A 279 -1.03 3.39 -5.25
CA LYS A 279 0.30 3.55 -4.56
C LYS A 279 0.87 2.21 -4.11
N PHE A 280 0.09 1.47 -3.30
CA PHE A 280 0.44 0.08 -2.93
C PHE A 280 0.97 -0.81 -4.10
N ILE A 281 0.28 -0.80 -5.23
CA ILE A 281 0.67 -1.63 -6.37
C ILE A 281 1.94 -1.15 -7.12
N GLU A 293 -2.57 7.92 17.48
CA GLU A 293 -2.07 8.70 18.62
C GLU A 293 -2.70 8.23 19.96
N LEU A 294 -2.02 8.46 21.09
CA LEU A 294 -2.54 8.00 22.39
C LEU A 294 -3.79 8.84 22.77
N SER A 295 -4.93 8.16 22.91
CA SER A 295 -6.19 8.85 23.26
C SER A 295 -7.25 7.89 23.88
N HIS A 296 -8.10 8.43 24.75
CA HIS A 296 -9.21 7.66 25.33
C HIS A 296 -10.45 8.55 25.25
N GLU A 297 -10.87 8.80 24.02
CA GLU A 297 -12.07 9.61 23.75
C GLU A 297 -13.39 8.99 24.22
N ASP A 298 -13.37 7.67 24.45
CA ASP A 298 -14.59 6.88 24.68
C ASP A 298 -15.16 7.04 26.10
N MET B 1 32.87 0.91 -22.33
CA MET B 1 32.08 -0.33 -22.65
C MET B 1 31.45 -0.59 -21.30
N GLU B 2 32.11 -1.49 -20.55
CA GLU B 2 31.61 -1.87 -19.33
C GLU B 2 32.20 -0.80 -18.44
N MET B 3 31.62 -0.79 -17.27
CA MET B 3 31.93 0.18 -16.27
C MET B 3 33.33 -0.01 -15.77
N GLU B 4 33.89 -1.23 -15.84
CA GLU B 4 35.29 -1.37 -15.49
C GLU B 4 36.25 -0.54 -16.39
N LYS B 5 35.93 -0.52 -17.67
CA LYS B 5 36.79 0.24 -18.62
C LYS B 5 36.63 1.76 -18.34
N GLU B 6 35.40 2.16 -18.09
CA GLU B 6 35.15 3.55 -17.69
C GLU B 6 35.92 3.88 -16.43
N PHE B 7 35.85 3.02 -15.43
CA PHE B 7 36.56 3.23 -14.13
C PHE B 7 38.07 3.41 -14.31
N GLU B 8 38.69 2.49 -15.03
CA GLU B 8 40.11 2.62 -15.46
C GLU B 8 40.42 3.98 -16.13
N GLN B 9 39.57 4.40 -17.04
CA GLN B 9 39.78 5.64 -17.78
C GLN B 9 39.68 6.89 -16.88
N ILE B 10 38.72 6.94 -15.98
CA ILE B 10 38.64 8.09 -15.02
C ILE B 10 39.81 8.00 -14.08
N ASP B 11 40.18 6.77 -13.65
CA ASP B 11 41.31 6.64 -12.75
C ASP B 11 42.59 7.09 -13.41
N LYS B 12 42.83 6.65 -14.63
CA LYS B 12 44.07 6.99 -15.34
C LYS B 12 44.18 8.50 -15.58
N SER B 13 43.11 9.15 -16.02
CA SER B 13 43.14 10.61 -16.18
C SER B 13 42.91 11.43 -14.90
N GLY B 14 42.72 10.83 -13.75
CA GLY B 14 42.64 11.57 -12.49
C GLY B 14 41.45 12.49 -12.51
N SER B 15 40.34 12.04 -13.09
CA SER B 15 39.21 12.93 -13.34
CA SER B 15 39.18 12.86 -13.39
C SER B 15 38.05 12.80 -12.34
N TRP B 16 38.27 12.08 -11.22
CA TRP B 16 37.23 11.89 -10.14
C TRP B 16 36.70 13.24 -9.60
N ALA B 17 37.58 14.18 -9.32
CA ALA B 17 37.17 15.51 -8.76
C ALA B 17 36.35 16.29 -9.77
N ALA B 18 36.74 16.23 -11.04
CA ALA B 18 35.97 16.98 -12.10
C ALA B 18 34.56 16.36 -12.42
N ILE B 19 34.52 15.05 -12.50
CA ILE B 19 33.26 14.33 -12.58
C ILE B 19 32.31 14.66 -11.46
N TYR B 20 32.87 14.73 -10.27
CA TYR B 20 32.09 15.01 -9.08
C TYR B 20 31.57 16.42 -9.06
N GLN B 21 32.41 17.38 -9.43
CA GLN B 21 31.96 18.80 -9.53
C GLN B 21 30.90 18.97 -10.56
N ASP B 22 30.99 18.26 -11.68
CA ASP B 22 29.91 18.25 -12.68
C ASP B 22 28.59 17.75 -12.15
N ILE B 23 28.63 16.67 -11.35
CA ILE B 23 27.43 16.18 -10.71
C ILE B 23 26.86 17.24 -9.83
N ARG B 24 27.68 17.92 -9.05
CA ARG B 24 27.11 18.96 -8.20
C ARG B 24 26.48 20.06 -9.04
N HIS B 25 27.05 20.32 -10.23
CA HIS B 25 26.62 21.48 -11.01
CA HIS B 25 26.64 21.46 -11.06
C HIS B 25 25.31 21.13 -11.68
N GLU B 26 25.07 19.85 -11.93
CA GLU B 26 23.86 19.37 -12.60
C GLU B 26 22.70 19.02 -11.66
N ALA B 27 22.98 18.93 -10.37
CA ALA B 27 22.04 18.38 -9.43
C ALA B 27 20.83 19.32 -9.34
N SER B 28 19.68 18.72 -9.14
CA SER B 28 18.36 19.33 -9.00
C SER B 28 18.30 20.23 -7.76
N ASP B 29 17.44 21.25 -7.82
CA ASP B 29 17.31 22.20 -6.71
C ASP B 29 15.84 22.34 -6.52
N PHE B 30 15.32 21.86 -5.39
CA PHE B 30 13.88 21.94 -5.17
C PHE B 30 13.71 22.69 -3.84
N PRO B 31 12.56 23.28 -3.60
CA PRO B 31 12.43 23.95 -2.29
C PRO B 31 12.24 22.96 -1.02
N CYS B 32 12.58 23.45 0.14
CA CYS B 32 12.57 22.73 1.42
C CYS B 32 11.90 23.66 2.46
N ARG B 33 10.78 24.20 2.07
CA ARG B 33 10.05 25.18 2.95
C ARG B 33 9.61 24.60 4.28
N VAL B 34 9.00 23.41 4.29
CA VAL B 34 8.66 22.77 5.57
C VAL B 34 9.85 22.57 6.48
N ALA B 35 10.95 21.96 6.01
CA ALA B 35 12.20 21.96 6.84
C ALA B 35 12.68 23.27 7.45
N LYS B 36 12.44 24.39 6.76
CA LYS B 36 12.92 25.72 7.16
C LYS B 36 11.91 26.44 8.10
N LEU B 37 10.77 25.83 8.40
CA LEU B 37 9.85 26.50 9.39
C LEU B 37 10.52 26.65 10.75
N PRO B 38 10.27 27.76 11.50
CA PRO B 38 10.95 27.92 12.79
C PRO B 38 10.70 26.81 13.82
N LYS B 39 9.48 26.26 13.84
CA LYS B 39 9.11 25.19 14.74
C LYS B 39 9.92 23.93 14.42
N ASN B 40 10.48 23.83 13.21
CA ASN B 40 11.36 22.70 12.84
C ASN B 40 12.84 22.86 13.01
N LYS B 41 13.28 23.99 13.55
CA LYS B 41 14.70 24.25 13.67
C LYS B 41 15.47 23.21 14.54
N ASN B 42 14.91 22.89 15.69
CA ASN B 42 15.51 21.85 16.55
C ASN B 42 15.30 20.40 16.09
N ARG B 43 14.63 20.19 14.94
CA ARG B 43 14.49 18.87 14.38
C ARG B 43 15.53 18.63 13.28
N ASN B 44 16.32 19.63 12.92
CA ASN B 44 17.38 19.48 11.94
C ASN B 44 18.72 19.50 12.56
N ARG B 45 19.56 18.55 12.12
CA ARG B 45 20.88 18.39 12.69
C ARG B 45 21.83 19.42 12.08
N TYR B 46 21.78 19.54 10.75
CA TYR B 46 22.59 20.42 9.89
C TYR B 46 21.61 21.34 9.11
N ARG B 47 21.80 22.66 9.19
CA ARG B 47 20.98 23.61 8.43
C ARG B 47 21.21 23.44 6.90
N ASP B 48 22.39 22.97 6.47
CA ASP B 48 22.66 22.78 5.01
C ASP B 48 22.17 21.44 4.44
N VAL B 49 21.59 20.58 5.28
CA VAL B 49 20.98 19.34 4.77
C VAL B 49 19.52 19.23 5.15
N SER B 50 18.66 19.54 4.20
CA SER B 50 17.23 19.48 4.36
C SER B 50 16.56 18.60 3.35
N PRO B 51 15.46 17.92 3.75
CA PRO B 51 14.64 17.25 2.79
C PRO B 51 13.84 18.25 1.88
N PHE B 52 13.76 17.91 0.61
CA PHE B 52 12.86 18.62 -0.32
C PHE B 52 11.39 18.37 0.09
N ASP B 53 10.55 19.38 -0.04
CA ASP B 53 9.12 19.23 0.21
C ASP B 53 8.43 18.11 -0.56
N HIS B 54 8.81 17.90 -1.80
CA HIS B 54 8.15 16.94 -2.59
C HIS B 54 8.35 15.52 -2.14
N SER B 55 9.48 15.25 -1.51
CA SER B 55 9.85 13.88 -1.23
C SER B 55 10.00 13.61 0.29
N ARG B 56 9.67 14.57 1.15
CA ARG B 56 9.84 14.37 2.54
C ARG B 56 8.88 13.32 3.06
N ILE B 57 9.34 12.61 4.11
CA ILE B 57 8.52 11.64 4.83
C ILE B 57 7.70 12.48 5.83
N LYS B 58 6.39 12.27 5.84
CA LYS B 58 5.51 12.91 6.85
C LYS B 58 5.20 11.91 7.98
N LEU B 59 5.41 12.33 9.22
CA LEU B 59 4.91 11.64 10.38
C LEU B 59 3.36 11.67 10.29
N HIS B 60 2.64 10.68 10.84
CA HIS B 60 1.16 10.65 10.75
C HIS B 60 0.48 11.20 12.00
N GLN B 61 1.28 11.68 12.93
CA GLN B 61 0.77 12.47 14.02
C GLN B 61 0.21 13.80 13.52
N GLU B 62 -0.91 14.18 14.12
CA GLU B 62 -1.42 15.54 14.06
C GLU B 62 -0.50 16.71 14.45
N ASP B 63 0.33 16.54 15.49
CA ASP B 63 1.01 17.72 16.06
C ASP B 63 2.02 18.41 15.14
N ASN B 64 3.18 17.82 14.93
CA ASN B 64 4.07 18.40 13.97
C ASN B 64 4.52 17.19 13.14
N ASP B 65 4.22 17.23 11.84
CA ASP B 65 4.49 16.10 10.97
C ASP B 65 5.95 15.97 10.44
N TYR B 66 6.85 16.83 10.89
CA TYR B 66 8.18 16.98 10.31
C TYR B 66 9.26 16.05 10.89
N ILE B 67 9.90 15.35 9.95
CA ILE B 67 11.17 14.68 10.20
C ILE B 67 12.17 14.93 9.02
N ASN B 68 13.44 15.03 9.33
CA ASN B 68 14.44 15.17 8.33
C ASN B 68 14.71 13.81 7.72
N ALA B 69 13.85 13.49 6.80
CA ALA B 69 13.91 12.23 6.03
C ALA B 69 13.23 12.40 4.65
N SER B 70 13.71 11.63 3.65
CA SER B 70 13.33 11.74 2.26
C SER B 70 13.10 10.37 1.71
N LEU B 71 12.01 10.18 0.95
CA LEU B 71 11.78 8.98 0.19
C LEU B 71 12.46 9.02 -1.17
N ILE B 72 13.36 8.08 -1.45
CA ILE B 72 14.03 8.00 -2.76
CA ILE B 72 14.01 8.01 -2.76
C ILE B 72 13.32 6.87 -3.49
N LYS B 73 12.63 7.16 -4.60
CA LYS B 73 11.88 6.12 -5.36
C LYS B 73 12.61 5.83 -6.64
N MET B 74 13.20 4.66 -6.81
CA MET B 74 13.88 4.33 -8.04
C MET B 74 12.95 3.52 -8.87
N GLU B 75 12.30 4.20 -9.80
CA GLU B 75 11.22 3.58 -10.56
C GLU B 75 11.71 2.38 -11.45
N GLU B 76 12.72 2.56 -12.27
CA GLU B 76 13.19 1.44 -13.11
C GLU B 76 13.66 0.25 -12.28
N ALA B 77 14.39 0.52 -11.18
CA ALA B 77 14.96 -0.48 -10.32
C ALA B 77 13.91 -1.15 -9.44
N GLN B 78 12.80 -0.48 -9.22
CA GLN B 78 11.74 -1.02 -8.41
C GLN B 78 12.20 -1.17 -6.95
N ARG B 79 12.84 -0.12 -6.46
CA ARG B 79 13.35 -0.09 -5.09
C ARG B 79 13.14 1.32 -4.54
N SER B 80 12.72 1.39 -3.31
CA SER B 80 12.66 2.61 -2.51
C SER B 80 13.57 2.57 -1.21
N TYR B 81 14.07 3.75 -0.80
CA TYR B 81 14.90 3.89 0.43
C TYR B 81 14.38 5.14 1.13
N ILE B 82 14.39 5.14 2.45
CA ILE B 82 14.24 6.41 3.19
C ILE B 82 15.63 6.81 3.65
N LEU B 83 16.14 8.00 3.26
CA LEU B 83 17.36 8.51 3.72
C LEU B 83 17.06 9.63 4.78
N THR B 84 17.74 9.57 5.91
CA THR B 84 17.50 10.48 7.05
C THR B 84 18.79 10.84 7.73
N GLN B 85 18.70 11.80 8.66
CA GLN B 85 19.79 12.22 9.40
C GLN B 85 19.93 11.27 10.58
N GLY B 86 21.12 11.26 11.18
CA GLY B 86 21.30 10.62 12.44
C GLY B 86 20.35 11.32 13.45
N PRO B 87 19.54 10.55 14.16
CA PRO B 87 18.55 11.20 15.01
C PRO B 87 19.17 12.06 16.09
N LEU B 88 18.41 13.06 16.51
CA LEU B 88 18.79 13.92 17.61
C LEU B 88 18.18 13.44 18.91
N PRO B 89 18.75 13.86 20.06
CA PRO B 89 18.13 13.51 21.36
C PRO B 89 16.63 13.73 21.42
N ASN B 90 16.13 14.75 20.73
CA ASN B 90 14.67 15.08 20.74
C ASN B 90 13.90 14.49 19.58
N THR B 91 14.58 13.81 18.62
CA THR B 91 13.86 13.25 17.47
C THR B 91 13.91 11.74 17.43
N CYS B 92 14.42 11.10 18.50
CA CYS B 92 14.48 9.63 18.54
C CYS B 92 13.13 9.02 18.47
N GLY B 93 12.20 9.59 19.23
CA GLY B 93 10.87 9.17 19.15
C GLY B 93 10.24 9.31 17.77
N HIS B 94 10.49 10.42 17.09
CA HIS B 94 9.97 10.67 15.72
C HIS B 94 10.59 9.63 14.75
N PHE B 95 11.85 9.35 14.97
CA PHE B 95 12.54 8.38 14.08
C PHE B 95 11.86 7.05 14.15
N TRP B 96 11.55 6.58 15.39
CA TRP B 96 10.88 5.32 15.60
C TRP B 96 9.43 5.32 15.17
N GLU B 97 8.76 6.45 15.35
CA GLU B 97 7.43 6.60 14.76
C GLU B 97 7.43 6.47 13.22
N MET B 98 8.40 7.11 12.56
CA MET B 98 8.53 6.94 11.11
C MET B 98 8.74 5.45 10.76
N VAL B 99 9.68 4.82 11.41
CA VAL B 99 9.92 3.38 11.13
C VAL B 99 8.63 2.58 11.28
N TRP B 100 7.87 2.87 12.34
CA TRP B 100 6.57 2.19 12.58
C TRP B 100 5.55 2.47 11.43
N GLU B 101 5.34 3.73 11.13
CA GLU B 101 4.31 4.11 10.16
C GLU B 101 4.65 3.70 8.77
N GLN B 102 5.93 3.67 8.42
CA GLN B 102 6.35 3.22 7.10
C GLN B 102 6.45 1.74 6.96
N LYS B 103 6.33 1.01 8.08
CA LYS B 103 6.42 -0.45 8.12
C LYS B 103 7.76 -1.00 7.58
N SER B 104 8.78 -0.25 7.83
CA SER B 104 10.14 -0.72 7.58
C SER B 104 10.46 -1.95 8.52
N ARG B 105 11.19 -2.92 7.95
CA ARG B 105 11.84 -3.99 8.60
C ARG B 105 13.33 -3.63 8.97
N GLY B 106 14.05 -2.95 8.06
CA GLY B 106 15.45 -2.58 8.26
C GLY B 106 15.82 -1.13 8.50
N VAL B 107 16.79 -0.94 9.38
CA VAL B 107 17.50 0.29 9.56
C VAL B 107 18.94 0.07 9.33
N VAL B 108 19.52 0.92 8.52
CA VAL B 108 20.92 0.83 8.13
C VAL B 108 21.64 2.08 8.63
N MET B 109 22.66 1.82 9.44
CA MET B 109 23.49 2.85 9.99
C MET B 109 24.91 2.72 9.55
N LEU B 110 25.46 3.78 8.99
CA LEU B 110 26.80 3.77 8.41
C LEU B 110 27.89 4.57 9.16
N ASN B 111 27.57 5.12 10.32
CA ASN B 111 28.46 5.90 11.07
C ASN B 111 28.48 5.30 12.49
N ARG B 112 29.42 5.77 13.30
CA ARG B 112 29.40 5.52 14.77
C ARG B 112 28.81 6.73 15.50
N VAL B 113 28.28 6.53 16.70
CA VAL B 113 27.63 7.64 17.43
C VAL B 113 28.64 8.75 17.80
N MET B 114 29.88 8.34 18.07
CA MET B 114 30.98 9.28 18.27
C MET B 114 32.11 8.96 17.31
N GLU B 115 32.62 9.98 16.63
CA GLU B 115 33.72 9.83 15.70
C GLU B 115 34.73 10.96 16.01
N LYS B 116 35.98 10.59 16.31
CA LYS B 116 37.08 11.53 16.65
C LYS B 116 36.69 12.51 17.75
N GLY B 117 36.50 11.95 18.94
CA GLY B 117 35.81 12.62 20.03
C GLY B 117 34.64 13.55 19.69
N SER B 118 33.85 13.24 18.65
CA SER B 118 32.81 14.18 18.24
C SER B 118 31.40 13.49 17.97
N LEU B 119 30.33 14.04 18.59
CA LEU B 119 28.97 13.47 18.54
C LEU B 119 28.33 13.59 17.15
N LYS B 120 28.01 12.45 16.55
CA LYS B 120 27.41 12.37 15.19
C LYS B 120 25.93 11.96 15.15
N CYS B 121 25.46 11.33 16.22
CA CYS B 121 24.17 10.71 16.21
C CYS B 121 23.83 10.40 17.64
N ALA B 122 22.57 10.56 18.04
CA ALA B 122 22.12 10.16 19.38
C ALA B 122 22.15 8.64 19.49
N GLN B 123 22.29 8.16 20.71
CA GLN B 123 22.18 6.70 21.00
C GLN B 123 20.67 6.35 20.98
N TYR B 124 20.16 6.04 19.78
CA TYR B 124 18.71 5.97 19.57
C TYR B 124 18.14 4.54 19.73
N TRP B 125 19.03 3.56 19.94
CA TRP B 125 18.64 2.22 20.26
C TRP B 125 19.31 1.78 21.56
N PRO B 126 18.77 0.80 22.23
CA PRO B 126 19.41 0.30 23.49
C PRO B 126 20.75 -0.48 23.26
N GLN B 127 21.73 -0.11 24.06
CA GLN B 127 23.05 -0.78 24.10
C GLN B 127 22.95 -2.12 24.84
N LYS B 128 22.02 -2.24 25.81
CA LYS B 128 21.85 -3.51 26.60
C LYS B 128 20.44 -4.06 26.54
N GLU B 129 20.35 -5.39 26.47
CA GLU B 129 19.09 -6.12 26.42
C GLU B 129 18.19 -5.72 27.60
N GLU B 130 18.81 -5.57 28.76
CA GLU B 130 18.08 -5.31 30.01
C GLU B 130 17.67 -3.84 30.19
N LYS B 131 18.14 -2.93 29.32
CA LYS B 131 17.74 -1.51 29.46
C LYS B 131 17.08 -1.09 28.19
N GLU B 132 15.81 -1.45 28.10
CA GLU B 132 14.92 -0.98 27.07
C GLU B 132 14.75 0.57 27.10
N MET B 133 14.28 1.12 26.00
CA MET B 133 14.03 2.57 25.82
C MET B 133 12.56 2.79 25.62
N ILE B 134 12.02 3.81 26.28
CA ILE B 134 10.64 4.22 26.05
C ILE B 134 10.65 5.64 25.47
N PHE B 135 9.94 5.82 24.36
CA PHE B 135 9.82 7.12 23.72
C PHE B 135 8.48 7.68 24.11
N GLU B 136 8.44 8.55 25.11
CA GLU B 136 7.16 8.95 25.72
C GLU B 136 6.31 9.77 24.79
N ASP B 137 6.94 10.68 24.04
CA ASP B 137 6.22 11.54 23.03
C ASP B 137 5.52 10.71 21.95
N THR B 138 6.11 9.63 21.45
CA THR B 138 5.41 8.85 20.45
C THR B 138 4.83 7.50 20.95
N ASN B 139 4.93 7.25 22.27
CA ASN B 139 4.39 6.05 22.92
C ASN B 139 4.89 4.72 22.33
N LEU B 140 6.21 4.62 22.23
CA LEU B 140 6.86 3.45 21.65
C LEU B 140 7.92 2.99 22.61
N LYS B 141 8.10 1.67 22.65
CA LYS B 141 9.06 1.04 23.48
C LYS B 141 9.94 0.19 22.52
N LEU B 142 11.23 0.21 22.79
CA LEU B 142 12.26 -0.46 21.97
C LEU B 142 13.18 -1.28 22.89
N THR B 143 13.35 -2.55 22.55
CA THR B 143 14.16 -3.47 23.29
C THR B 143 15.13 -4.17 22.35
N LEU B 144 16.36 -4.28 22.77
CA LEU B 144 17.36 -5.12 22.09
C LEU B 144 17.15 -6.57 22.48
N ILE B 145 16.95 -7.41 21.49
CA ILE B 145 16.68 -8.81 21.68
C ILE B 145 17.98 -9.58 21.41
N SER B 146 18.64 -9.28 20.31
CA SER B 146 19.95 -9.92 20.13
C SER B 146 20.90 -9.13 19.22
N GLU B 147 22.18 -9.52 19.28
CA GLU B 147 23.24 -8.77 18.69
C GLU B 147 24.17 -9.82 18.09
N ASP B 148 24.69 -9.60 16.88
CA ASP B 148 25.71 -10.45 16.30
C ASP B 148 26.77 -9.49 15.76
N ILE B 149 27.87 -9.38 16.52
CA ILE B 149 28.95 -8.47 16.24
C ILE B 149 29.90 -9.24 15.32
N LYS B 150 30.12 -8.73 14.13
CA LYS B 150 31.07 -9.34 13.21
C LYS B 150 32.26 -8.44 13.05
N SER B 151 33.16 -8.88 12.17
CA SER B 151 34.39 -8.16 11.99
C SER B 151 34.30 -6.73 11.57
N TYR B 152 33.38 -6.46 10.63
CA TYR B 152 33.23 -5.15 10.01
C TYR B 152 31.85 -4.44 10.21
N TYR B 153 30.87 -5.19 10.75
CA TYR B 153 29.55 -4.65 11.01
C TYR B 153 28.87 -5.50 12.05
N THR B 154 27.82 -4.94 12.63
CA THR B 154 27.00 -5.59 13.59
C THR B 154 25.56 -5.65 13.06
N VAL B 155 24.86 -6.76 13.33
CA VAL B 155 23.45 -6.89 13.05
C VAL B 155 22.75 -7.06 14.42
N ARG B 156 21.73 -6.25 14.65
CA ARG B 156 20.91 -6.36 15.84
C ARG B 156 19.48 -6.65 15.51
N GLN B 157 18.83 -7.41 16.38
CA GLN B 157 17.44 -7.63 16.25
C GLN B 157 16.80 -6.83 17.41
N LEU B 158 15.87 -5.96 17.05
CA LEU B 158 15.14 -5.16 18.03
C LEU B 158 13.66 -5.50 17.98
N GLU B 159 12.97 -5.23 19.09
CA GLU B 159 11.56 -5.33 19.14
C GLU B 159 11.03 -3.92 19.43
N LEU B 160 10.13 -3.47 18.57
CA LEU B 160 9.55 -2.18 18.67
C LEU B 160 8.10 -2.43 18.99
N GLU B 161 7.62 -1.75 20.00
CA GLU B 161 6.25 -1.99 20.45
C GLU B 161 5.50 -0.67 20.55
N ASN B 162 4.32 -0.64 19.99
CA ASN B 162 3.44 0.53 20.03
C ASN B 162 2.67 0.30 21.30
N LEU B 163 2.95 1.11 22.29
CA LEU B 163 2.30 0.97 23.59
C LEU B 163 0.82 1.34 23.54
N THR B 164 0.40 2.07 22.52
CA THR B 164 -0.99 2.45 22.33
C THR B 164 -1.82 1.27 21.85
N THR B 165 -1.29 0.46 20.93
CA THR B 165 -2.02 -0.68 20.43
C THR B 165 -1.59 -2.00 21.00
N GLN B 166 -0.50 -2.01 21.77
CA GLN B 166 0.21 -3.22 22.17
C GLN B 166 0.73 -4.14 21.06
N GLU B 167 0.73 -3.67 19.83
CA GLU B 167 1.33 -4.42 18.76
C GLU B 167 2.87 -4.31 18.82
N THR B 168 3.56 -5.40 18.43
CA THR B 168 5.01 -5.48 18.42
C THR B 168 5.50 -5.79 16.99
N ARG B 169 6.65 -5.21 16.60
CA ARG B 169 7.30 -5.63 15.36
C ARG B 169 8.78 -5.84 15.56
N GLU B 170 9.32 -6.72 14.73
CA GLU B 170 10.72 -6.95 14.67
C GLU B 170 11.39 -5.95 13.73
N ILE B 171 12.46 -5.32 14.21
CA ILE B 171 13.35 -4.42 13.42
C ILE B 171 14.78 -4.95 13.42
N LEU B 172 15.38 -5.05 12.26
CA LEU B 172 16.79 -5.38 12.09
C LEU B 172 17.56 -4.13 11.90
N HIS B 173 18.59 -3.91 12.75
CA HIS B 173 19.48 -2.78 12.69
C HIS B 173 20.81 -3.29 12.10
N PHE B 174 21.19 -2.78 10.94
CA PHE B 174 22.43 -3.12 10.26
C PHE B 174 23.42 -1.97 10.43
N HIS B 175 24.45 -2.19 11.23
CA HIS B 175 25.35 -1.15 11.62
C HIS B 175 26.73 -1.44 11.02
N TYR B 176 27.12 -0.66 10.03
CA TYR B 176 28.47 -0.72 9.47
C TYR B 176 29.38 0.11 10.42
N THR B 177 30.24 -0.62 11.16
CA THR B 177 30.93 -0.11 12.34
C THR B 177 32.36 0.32 12.07
N THR B 178 32.87 0.00 10.89
CA THR B 178 34.24 0.17 10.60
C THR B 178 34.55 1.13 9.42
N TRP B 179 33.62 1.98 9.04
CA TRP B 179 33.95 2.94 8.01
C TRP B 179 35.04 3.89 8.58
N PRO B 180 36.12 4.14 7.84
CA PRO B 180 37.24 4.88 8.51
C PRO B 180 36.85 6.31 8.92
N ASP B 181 37.57 6.84 9.88
CA ASP B 181 37.29 8.20 10.34
C ASP B 181 37.61 9.26 9.28
N PHE B 182 38.59 8.98 8.41
CA PHE B 182 38.83 9.84 7.25
C PHE B 182 38.72 9.00 6.00
N GLY B 183 38.02 9.51 5.00
CA GLY B 183 37.99 8.87 3.69
C GLY B 183 37.06 7.66 3.65
N VAL B 184 37.29 6.81 2.65
CA VAL B 184 36.42 5.64 2.41
C VAL B 184 37.16 4.35 2.70
N PRO B 185 36.43 3.23 2.84
CA PRO B 185 37.12 2.01 3.10
C PRO B 185 38.00 1.66 1.84
N GLU B 186 39.10 1.01 2.06
CA GLU B 186 40.07 0.75 0.93
C GLU B 186 39.52 -0.24 -0.08
N SER B 187 38.87 -1.26 0.44
CA SER B 187 38.22 -2.26 -0.39
C SER B 187 36.71 -2.21 -0.13
N PRO B 188 35.89 -2.39 -1.19
CA PRO B 188 34.48 -2.46 -0.99
C PRO B 188 33.95 -3.83 -0.53
N ALA B 189 34.82 -4.81 -0.24
CA ALA B 189 34.36 -6.18 0.10
C ALA B 189 33.40 -6.19 1.32
N SER B 190 33.78 -5.54 2.40
CA SER B 190 32.94 -5.65 3.60
C SER B 190 31.58 -4.93 3.42
N PHE B 191 31.62 -3.80 2.75
CA PHE B 191 30.42 -3.04 2.32
C PHE B 191 29.45 -3.82 1.51
N LEU B 192 29.97 -4.58 0.55
CA LEU B 192 29.23 -5.45 -0.23
C LEU B 192 28.66 -6.60 0.59
N ASN B 193 29.48 -7.27 1.45
CA ASN B 193 28.94 -8.30 2.31
C ASN B 193 27.77 -7.69 3.18
N PHE B 194 27.99 -6.51 3.69
CA PHE B 194 26.96 -5.80 4.52
C PHE B 194 25.70 -5.66 3.70
N LEU B 195 25.83 -5.15 2.44
CA LEU B 195 24.67 -4.94 1.56
C LEU B 195 23.91 -6.21 1.29
N PHE B 196 24.61 -7.26 0.91
CA PHE B 196 23.99 -8.56 0.79
C PHE B 196 23.20 -9.10 1.96
N LYS B 197 23.69 -8.85 3.14
CA LYS B 197 23.02 -9.29 4.39
C LYS B 197 21.72 -8.46 4.58
N VAL B 198 21.75 -7.20 4.19
CA VAL B 198 20.52 -6.40 4.21
C VAL B 198 19.53 -6.97 3.20
N ARG B 199 20.02 -7.29 1.99
CA ARG B 199 19.13 -7.91 1.00
C ARG B 199 18.57 -9.26 1.44
N GLU B 200 19.39 -10.09 2.01
CA GLU B 200 18.99 -11.44 2.48
C GLU B 200 17.89 -11.38 3.53
N SER B 201 17.98 -10.39 4.42
CA SER B 201 16.97 -10.18 5.45
C SER B 201 15.58 -9.93 4.97
N GLY B 202 15.42 -9.59 3.68
CA GLY B 202 14.18 -9.16 3.15
C GLY B 202 13.89 -7.69 3.48
N SER B 203 14.80 -6.96 4.13
CA SER B 203 14.54 -5.55 4.42
C SER B 203 14.41 -4.63 3.20
N LEU B 204 14.91 -5.07 2.01
CA LEU B 204 14.83 -4.27 0.81
C LEU B 204 13.73 -4.73 -0.18
N SER B 205 12.88 -5.65 0.25
CA SER B 205 11.91 -6.25 -0.60
C SER B 205 10.58 -5.54 -0.50
N PRO B 206 9.77 -5.63 -1.57
CA PRO B 206 8.48 -4.95 -1.65
C PRO B 206 7.44 -5.32 -0.60
N GLU B 207 7.58 -6.43 0.09
CA GLU B 207 6.66 -6.78 1.17
C GLU B 207 6.74 -5.81 2.35
N HIS B 208 7.85 -5.06 2.49
CA HIS B 208 8.04 -4.17 3.61
C HIS B 208 8.15 -2.75 3.15
N GLY B 209 7.86 -1.82 4.05
CA GLY B 209 8.21 -0.43 3.87
C GLY B 209 9.69 -0.25 3.52
N PRO B 210 10.09 0.94 3.08
CA PRO B 210 11.48 1.13 2.66
C PRO B 210 12.44 1.05 3.80
N VAL B 211 13.58 0.43 3.52
CA VAL B 211 14.71 0.48 4.46
C VAL B 211 15.04 1.89 4.79
N VAL B 212 15.30 2.17 6.07
CA VAL B 212 15.70 3.48 6.54
C VAL B 212 17.21 3.58 6.65
N VAL B 213 17.85 4.51 5.99
CA VAL B 213 19.27 4.56 5.91
C VAL B 213 19.78 5.88 6.45
N HIS B 214 20.80 5.84 7.29
CA HIS B 214 21.39 7.02 7.77
C HIS B 214 22.85 6.89 8.08
N CYS B 215 23.51 8.05 8.04
CA CYS B 215 24.83 8.23 8.54
C CYS B 215 24.65 9.46 9.46
N SER B 216 25.53 10.43 9.43
CA SER B 216 25.22 11.69 10.16
C SER B 216 24.19 12.60 9.43
N ALA B 217 24.48 12.97 8.16
CA ALA B 217 23.58 13.83 7.39
C ALA B 217 22.55 13.03 6.56
N GLY B 218 22.75 11.72 6.44
CA GLY B 218 21.96 10.89 5.55
C GLY B 218 22.14 11.30 4.09
N ILE B 219 23.38 11.55 3.68
CA ILE B 219 23.67 11.90 2.24
C ILE B 219 24.97 11.30 1.71
N GLY B 220 26.06 11.38 2.47
CA GLY B 220 27.33 11.04 1.98
C GLY B 220 27.46 9.57 1.90
N ARG B 221 27.82 8.96 3.03
CA ARG B 221 27.92 7.54 3.07
C ARG B 221 26.58 6.91 2.72
N SER B 222 25.43 7.48 3.16
CA SER B 222 24.14 6.86 2.90
C SER B 222 23.86 6.77 1.41
N GLY B 223 24.29 7.77 0.68
CA GLY B 223 24.06 7.77 -0.73
C GLY B 223 24.90 6.66 -1.39
N THR B 224 26.03 6.29 -0.80
CA THR B 224 26.84 5.16 -1.45
C THR B 224 26.09 3.83 -1.36
N PHE B 225 25.33 3.68 -0.28
CA PHE B 225 24.59 2.44 -0.03
C PHE B 225 23.45 2.28 -1.03
N CYS B 226 22.62 3.31 -1.16
CA CYS B 226 21.52 3.33 -2.10
CA CYS B 226 21.51 3.23 -2.09
C CYS B 226 21.97 3.28 -3.57
N LEU B 227 22.99 4.06 -3.88
CA LEU B 227 23.55 4.08 -5.23
C LEU B 227 24.10 2.68 -5.64
N ALA B 228 24.89 2.06 -4.78
CA ALA B 228 25.45 0.71 -5.08
C ALA B 228 24.33 -0.32 -5.28
N ASP B 229 23.31 -0.26 -4.42
CA ASP B 229 22.21 -1.20 -4.51
C ASP B 229 21.38 -1.04 -5.79
N THR B 230 21.04 0.19 -6.09
CA THR B 230 20.26 0.47 -7.29
C THR B 230 21.00 0.06 -8.57
N CYS B 231 22.23 0.44 -8.69
CA CYS B 231 22.99 0.16 -9.90
C CYS B 231 23.18 -1.31 -10.13
N LEU B 232 23.44 -2.07 -9.06
CA LEU B 232 23.42 -3.54 -9.11
C LEU B 232 22.10 -4.09 -9.59
N LEU B 233 20.98 -3.55 -9.09
CA LEU B 233 19.67 -3.94 -9.59
C LEU B 233 19.52 -3.66 -11.08
N LEU B 234 19.97 -2.53 -11.56
CA LEU B 234 19.75 -2.11 -12.92
C LEU B 234 20.59 -3.02 -13.85
N MET B 235 21.79 -3.35 -13.40
CA MET B 235 22.66 -4.25 -14.15
C MET B 235 22.09 -5.65 -14.33
N ASP B 236 21.34 -6.16 -13.35
CA ASP B 236 20.61 -7.42 -13.53
C ASP B 236 19.42 -7.27 -14.50
N LYS B 237 18.57 -6.28 -14.18
CA LYS B 237 17.36 -6.01 -14.90
C LYS B 237 17.57 -5.75 -16.39
N ARG B 238 18.47 -4.84 -16.74
CA ARG B 238 18.55 -4.35 -18.08
C ARG B 238 19.04 -5.43 -19.07
N LYS B 239 18.72 -5.19 -20.34
CA LYS B 239 19.14 -6.08 -21.42
C LYS B 239 20.54 -5.69 -21.87
N ASP B 240 20.81 -4.38 -21.89
CA ASP B 240 22.17 -3.84 -22.05
C ASP B 240 22.72 -3.29 -20.70
N PRO B 241 23.24 -4.20 -19.84
CA PRO B 241 23.88 -3.76 -18.59
C PRO B 241 25.04 -2.76 -18.79
N SER B 242 25.67 -2.76 -19.97
CA SER B 242 26.70 -1.80 -20.28
C SER B 242 26.21 -0.34 -20.45
N SER B 243 24.90 -0.13 -20.55
CA SER B 243 24.36 1.24 -20.54
C SER B 243 24.27 1.85 -19.14
N VAL B 244 24.54 1.09 -18.07
CA VAL B 244 24.40 1.68 -16.71
C VAL B 244 25.43 2.78 -16.53
N ASP B 245 24.94 3.99 -16.34
CA ASP B 245 25.77 5.10 -16.06
C ASP B 245 25.45 5.52 -14.62
N ILE B 246 26.45 5.37 -13.77
CA ILE B 246 26.32 5.61 -12.36
C ILE B 246 26.03 7.06 -12.09
N LYS B 247 26.80 7.91 -12.74
CA LYS B 247 26.56 9.36 -12.78
C LYS B 247 25.08 9.71 -13.04
N LYS B 248 24.46 9.10 -14.02
CA LYS B 248 23.00 9.35 -14.29
C LYS B 248 22.09 8.79 -13.21
N VAL B 249 22.50 7.66 -12.64
CA VAL B 249 21.69 7.09 -11.55
C VAL B 249 21.78 8.00 -10.33
N LEU B 250 22.98 8.47 -10.04
CA LEU B 250 23.14 9.32 -8.96
C LEU B 250 22.34 10.63 -9.08
N LEU B 251 22.43 11.28 -10.26
CA LEU B 251 21.58 12.45 -10.54
C LEU B 251 20.09 12.14 -10.42
N GLU B 252 19.64 10.98 -10.90
CA GLU B 252 18.30 10.49 -10.54
C GLU B 252 17.98 10.49 -9.03
N MET B 253 18.90 9.94 -8.23
CA MET B 253 18.70 9.96 -6.78
C MET B 253 18.68 11.32 -6.16
N ARG B 254 19.56 12.18 -6.63
CA ARG B 254 19.54 13.59 -6.24
C ARG B 254 18.28 14.42 -6.45
N LYS B 255 17.36 13.93 -7.28
CA LYS B 255 16.03 14.49 -7.42
C LYS B 255 15.17 14.40 -6.17
N PHE B 256 15.51 13.45 -5.30
CA PHE B 256 14.73 13.10 -4.15
C PHE B 256 15.39 13.55 -2.86
N ARG B 257 16.71 13.69 -2.83
CA ARG B 257 17.40 14.29 -1.66
C ARG B 257 18.71 14.87 -2.08
N MET B 258 18.94 16.08 -1.63
CA MET B 258 20.14 16.79 -1.97
C MET B 258 21.40 16.18 -1.38
N GLY B 259 22.53 16.40 -2.05
CA GLY B 259 23.86 16.15 -1.47
C GLY B 259 24.36 14.68 -1.47
N LEU B 260 23.62 13.77 -2.09
CA LEU B 260 23.97 12.34 -2.01
C LEU B 260 25.32 12.14 -2.69
N ILE B 261 26.27 11.57 -1.96
CA ILE B 261 27.68 11.53 -2.27
C ILE B 261 28.31 12.89 -2.17
N GLN B 262 29.06 13.07 -1.11
CA GLN B 262 29.63 14.34 -0.73
C GLN B 262 31.08 14.49 -1.19
N THR B 263 31.73 13.46 -1.74
CA THR B 263 33.14 13.60 -2.11
C THR B 263 33.46 12.74 -3.36
N ALA B 264 34.51 13.15 -4.03
CA ALA B 264 35.10 12.39 -5.14
C ALA B 264 35.46 10.95 -4.73
N ASP B 265 36.00 10.77 -3.53
CA ASP B 265 36.37 9.45 -3.02
C ASP B 265 35.15 8.55 -2.80
N GLN B 266 34.06 9.10 -2.25
CA GLN B 266 32.83 8.33 -2.14
C GLN B 266 32.30 7.92 -3.51
N LEU B 267 32.43 8.78 -4.53
CA LEU B 267 31.92 8.47 -5.85
C LEU B 267 32.79 7.32 -6.44
N ARG B 268 34.07 7.42 -6.26
CA ARG B 268 34.95 6.34 -6.79
C ARG B 268 34.65 5.03 -6.05
N PHE B 269 34.45 5.11 -4.75
CA PHE B 269 34.13 3.94 -3.94
C PHE B 269 32.82 3.31 -4.42
N SER B 270 31.79 4.13 -4.70
CA SER B 270 30.56 3.65 -5.28
C SER B 270 30.76 2.87 -6.64
N TYR B 271 31.51 3.42 -7.54
CA TYR B 271 31.86 2.69 -8.76
C TYR B 271 32.49 1.41 -8.44
N LEU B 272 33.50 1.43 -7.56
CA LEU B 272 34.20 0.20 -7.16
C LEU B 272 33.31 -0.90 -6.60
N ALA B 273 32.47 -0.55 -5.65
CA ALA B 273 31.50 -1.46 -5.12
C ALA B 273 30.57 -2.09 -6.17
N VAL B 274 30.09 -1.30 -7.14
CA VAL B 274 29.18 -1.81 -8.15
C VAL B 274 29.97 -2.80 -9.03
N ILE B 275 31.20 -2.45 -9.33
CA ILE B 275 32.03 -3.31 -10.23
C ILE B 275 32.34 -4.67 -9.60
N GLU B 276 32.81 -4.65 -8.35
CA GLU B 276 33.16 -5.87 -7.63
C GLU B 276 31.91 -6.70 -7.32
N GLY B 277 30.84 -6.02 -6.92
CA GLY B 277 29.52 -6.65 -6.74
C GLY B 277 29.01 -7.42 -7.96
N ALA B 278 28.97 -6.71 -9.09
CA ALA B 278 28.50 -7.23 -10.38
C ALA B 278 29.42 -8.37 -10.86
N LYS B 279 30.69 -8.31 -10.56
CA LYS B 279 31.57 -9.45 -10.90
C LYS B 279 31.14 -10.74 -10.17
N PHE B 280 30.65 -10.61 -8.94
CA PHE B 280 30.32 -11.76 -8.14
C PHE B 280 28.88 -12.24 -8.46
N ILE B 281 27.95 -11.29 -8.59
CA ILE B 281 26.52 -11.56 -8.72
C ILE B 281 26.16 -12.00 -10.12
N MET B 282 26.87 -11.48 -11.09
CA MET B 282 26.57 -11.76 -12.44
C MET B 282 27.65 -12.66 -13.04
N GLY B 283 28.90 -12.31 -12.91
CA GLY B 283 29.91 -13.08 -13.59
C GLY B 283 31.02 -12.14 -13.98
N ASP B 284 32.25 -12.59 -13.77
CA ASP B 284 33.42 -11.85 -14.16
C ASP B 284 33.66 -12.08 -15.67
N SER B 285 33.32 -11.08 -16.47
CA SER B 285 33.40 -11.16 -17.92
C SER B 285 34.83 -11.45 -18.41
N SER B 286 35.79 -10.86 -17.68
CA SER B 286 37.23 -11.13 -17.78
C SER B 286 37.53 -12.63 -17.96
N VAL B 287 37.01 -13.42 -17.04
CA VAL B 287 37.04 -14.88 -17.13
C VAL B 287 35.76 -15.32 -17.87
C15 YXF C . -14.84 -11.24 -15.69
C12 YXF C . -15.82 -12.49 -13.83
C14 YXF C . -14.74 -11.89 -14.46
C11 YXF C . -17.03 -12.42 -14.52
C10 YXF C . -17.13 -11.78 -15.75
C9 YXF C . -16.03 -11.19 -16.36
C8 YXF C . -15.75 -9.49 -19.53
C7 YXF C . -14.33 -11.56 -19.01
C6 YXF C . -15.37 -10.55 -18.75
C3 YXF C . -16.77 -8.84 -18.80
C2 YXF C . -17.55 -7.63 -19.18
C1 YXF C . -17.61 -7.51 -20.69
N4 YXF C . -17.02 -9.46 -17.63
N5 YXF C . -16.15 -10.49 -17.61
N13 YXF C . -15.68 -13.12 -12.55
C15 YXF D . 10.82 -1.78 -2.88
C12 YXF D . 10.85 -1.66 -0.42
C14 YXF D . 11.28 -2.19 -1.64
C11 YXF D . 9.89 -0.64 -0.52
C10 YXF D . 9.41 -0.23 -1.76
C9 YXF D . 9.84 -0.78 -2.98
C8 YXF D . 8.66 0.11 -6.32
C7 YXF D . 8.37 -2.29 -5.47
C6 YXF D . 8.78 -0.88 -5.35
C3 YXF D . 9.19 1.29 -5.74
C2 YXF D . 9.34 2.67 -6.27
C1 YXF D . 8.91 2.82 -7.69
N4 YXF D . 9.60 1.00 -4.49
N5 YXF D . 9.36 -0.29 -4.24
N13 YXF D . 11.41 -2.14 0.85
#